data_6IZZ
#
_entry.id   6IZZ
#
_cell.length_a   164.040
_cell.length_b   179.290
_cell.length_c   58.270
_cell.angle_alpha   90.00
_cell.angle_beta   90.00
_cell.angle_gamma   90.00
#
_symmetry.space_group_name_H-M   'C 2 2 21'
#
loop_
_entity.id
_entity.type
_entity.pdbx_description
1 polymer 'Genome polyprotein'
2 non-polymer 'ZINC ION'
3 non-polymer '2-oxo-2H-1,3-benzoxathiol-5-yl acetate'
4 water water
#
_entity_poly.entity_id   1
_entity_poly.type   'polypeptide(L)'
_entity_poly.pdbx_seq_one_letter_code
;TIEKDVDLGAGTRHVNAEPETPNMDVIGERIRRIKEEHSSTWHYDDENPYKTWAYHGSYEVKATGSASSMINGVVKLLTK
PWDVVPTVTQMAMTDTTPFGQQRVFKEKVDTRTPKPMPGTRKVMEITAGWLWRTLGRNKRPRLCTREEFTKKVRTNAAMG
AVFTEENQWDSARAAVEDEEFWKLVDRERELHKQGKCGSCVYNMMGKREKKLGEFGKAKGSRAIWYMWLGARYLEFEALG
FLNEDHWFSRENSYSGVEGEGLHKLGYILRDISKIPGGAMYADDTAGWDTRITEDDLHNEEKITQQMDPEHRQLANAIFK
LTYQNKVVKVQRPTPKGTVMDIISRKDQRGSGQVGTYGLNTFTNMEAQLIRQMEGEGVLSKTDLENPHLLEKKITQWLET
KGVERLKRMAISGDDCVVKPIDDRFANALLALNDMGKVRKDIPQWQPSKGWHDWQQVPFCSHHFHELIMKDGRKLVVPCR
PQDELIGRARISQGAGWSLKETACLGKAYAQMWALMYFHRRDLRLASNAICSAVPVHWVPTSRTTWSIHAHHQWMTTEDM
LTVWNRVWIEDNPWMEDKTPVTTWEDVPYLGKREDQWCGSLIGLTSRATWAQNILTAIQQVRSLIGNEEFLDYMPSMKRF
RKEEESE
;
_entity_poly.pdbx_strand_id   A
#
loop_
_chem_comp.id
_chem_comp.type
_chem_comp.name
_chem_comp.formula
B5C non-polymer '2-oxo-2H-1,3-benzoxathiol-5-yl acetate' 'C9 H6 O4 S'
ZN non-polymer 'ZINC ION' 'Zn 2'
#
# COMPACT_ATOMS: atom_id res chain seq x y z
N ASN A 23 -16.31 22.63 -13.91
CA ASN A 23 -15.74 21.63 -14.80
C ASN A 23 -14.57 22.20 -15.62
N MET A 24 -14.90 22.83 -16.75
CA MET A 24 -13.86 23.24 -17.70
C MET A 24 -13.08 24.46 -17.22
N ASP A 25 -13.63 25.26 -16.31
CA ASP A 25 -12.86 26.38 -15.80
C ASP A 25 -11.68 25.94 -14.95
N VAL A 26 -11.76 24.75 -14.35
CA VAL A 26 -10.67 24.24 -13.53
C VAL A 26 -9.69 23.41 -14.35
N ILE A 27 -10.19 22.59 -15.29
CA ILE A 27 -9.35 21.68 -16.04
C ILE A 27 -9.04 22.17 -17.45
N GLY A 28 -9.68 23.25 -17.90
CA GLY A 28 -9.57 23.64 -19.30
C GLY A 28 -8.14 23.92 -19.74
N GLU A 29 -7.43 24.72 -18.95
CA GLU A 29 -6.06 25.10 -19.32
C GLU A 29 -5.18 23.87 -19.49
N ARG A 30 -5.32 22.88 -18.60
CA ARG A 30 -4.54 21.65 -18.72
C ARG A 30 -4.84 20.92 -20.03
N ILE A 31 -6.12 20.85 -20.41
CA ILE A 31 -6.48 20.17 -21.65
C ILE A 31 -5.94 20.94 -22.85
N ARG A 32 -5.98 22.26 -22.80
CA ARG A 32 -5.50 23.06 -23.93
C ARG A 32 -4.01 22.85 -24.16
N ARG A 33 -3.23 22.74 -23.08
CA ARG A 33 -1.78 22.55 -23.24
C ARG A 33 -1.45 21.15 -23.75
N ILE A 34 -2.23 20.14 -23.37
CA ILE A 34 -2.00 18.79 -23.89
C ILE A 34 -2.28 18.74 -25.38
N LYS A 35 -3.41 19.30 -25.80
CA LYS A 35 -3.77 19.28 -27.21
C LYS A 35 -2.81 20.12 -28.05
N GLU A 36 -2.35 21.26 -27.51
CA GLU A 36 -1.42 22.10 -28.25
C GLU A 36 -0.08 21.40 -28.44
N GLU A 37 0.37 20.67 -27.41
CA GLU A 37 1.63 19.92 -27.55
C GLU A 37 1.52 18.83 -28.60
N HIS A 38 0.34 18.23 -28.75
CA HIS A 38 0.13 17.18 -29.76
C HIS A 38 -0.88 17.66 -30.79
N SER A 39 -0.64 18.83 -31.39
CA SER A 39 -1.55 19.36 -32.39
C SER A 39 -1.67 18.42 -33.58
N SER A 40 -0.57 17.76 -33.95
CA SER A 40 -0.64 16.67 -34.92
C SER A 40 -1.08 15.40 -34.21
N THR A 41 -2.00 14.68 -34.85
CA THR A 41 -2.63 13.43 -34.38
C THR A 41 -3.67 13.66 -33.29
N TRP A 42 -4.07 14.90 -33.01
CA TRP A 42 -5.13 15.16 -32.05
C TRP A 42 -6.49 15.03 -32.73
N HIS A 43 -7.41 14.33 -32.08
CA HIS A 43 -8.73 14.07 -32.65
C HIS A 43 -9.69 13.70 -31.54
N TYR A 44 -10.96 13.52 -31.90
CA TYR A 44 -12.00 13.04 -30.99
C TYR A 44 -12.51 11.70 -31.50
N ASP A 45 -12.01 10.61 -30.93
CA ASP A 45 -12.43 9.27 -31.31
C ASP A 45 -13.71 8.90 -30.56
N ASP A 46 -14.79 8.63 -31.30
CA ASP A 46 -16.02 8.16 -30.68
C ASP A 46 -15.96 6.68 -30.29
N GLU A 47 -14.98 5.94 -30.79
CA GLU A 47 -14.82 4.57 -30.30
C GLU A 47 -14.21 4.52 -28.88
N ASN A 48 -14.17 5.65 -28.18
CA ASN A 48 -13.73 5.65 -26.79
C ASN A 48 -14.77 4.99 -25.90
N PRO A 49 -14.35 4.12 -24.98
CA PRO A 49 -15.31 3.36 -24.18
C PRO A 49 -15.77 4.03 -22.89
N TYR A 50 -15.34 5.25 -22.63
CA TYR A 50 -15.55 5.86 -21.32
C TYR A 50 -17.04 6.13 -21.08
N LYS A 51 -17.53 5.65 -19.94
CA LYS A 51 -18.92 5.78 -19.54
C LYS A 51 -19.14 6.78 -18.42
N THR A 52 -18.29 6.78 -17.39
CA THR A 52 -18.46 7.66 -16.25
C THR A 52 -17.40 8.74 -16.16
N TRP A 53 -16.33 8.66 -16.95
CA TRP A 53 -15.37 9.75 -17.08
C TRP A 53 -15.75 10.64 -18.24
N ALA A 54 -15.39 11.91 -18.14
CA ALA A 54 -15.52 12.84 -19.26
C ALA A 54 -14.36 12.63 -20.22
N TYR A 55 -14.67 12.30 -21.47
CA TYR A 55 -13.65 12.12 -22.50
C TYR A 55 -13.42 13.43 -23.24
N HIS A 56 -12.16 13.74 -23.50
CA HIS A 56 -11.83 15.02 -24.13
C HIS A 56 -11.15 14.87 -25.48
N GLY A 57 -10.26 13.90 -25.65
CA GLY A 57 -9.59 13.73 -26.91
C GLY A 57 -8.48 12.72 -26.81
N SER A 58 -7.81 12.52 -27.93
CA SER A 58 -6.79 11.49 -28.03
C SER A 58 -5.70 11.93 -29.01
N TYR A 59 -4.51 11.38 -28.81
CA TYR A 59 -3.40 11.60 -29.72
C TYR A 59 -2.59 10.29 -29.81
N GLU A 60 -1.50 10.34 -30.57
CA GLU A 60 -0.82 9.15 -31.04
C GLU A 60 0.52 8.96 -30.35
N VAL A 61 0.56 8.04 -29.39
CA VAL A 61 1.78 7.42 -28.91
C VAL A 61 1.66 5.92 -29.17
N LYS A 62 2.75 5.18 -28.97
CA LYS A 62 2.68 3.74 -29.13
C LYS A 62 3.36 3.02 -27.98
N ALA A 63 3.04 1.72 -27.86
CA ALA A 63 2.91 1.03 -26.57
C ALA A 63 4.13 1.17 -25.67
N THR A 64 3.85 1.21 -24.36
CA THR A 64 4.86 1.09 -23.31
C THR A 64 4.36 0.04 -22.32
N GLY A 65 5.17 -0.99 -22.09
CA GLY A 65 4.81 -2.05 -21.15
C GLY A 65 5.18 -3.41 -21.72
N SER A 66 4.71 -4.44 -21.03
CA SER A 66 4.98 -5.82 -21.44
C SER A 66 3.92 -6.74 -20.84
N ALA A 67 3.72 -7.88 -21.51
CA ALA A 67 2.76 -8.87 -21.02
C ALA A 67 3.30 -9.64 -19.82
N SER A 68 4.62 -9.80 -19.74
CA SER A 68 5.25 -10.46 -18.60
C SER A 68 6.70 -9.99 -18.51
N SER A 69 7.24 -10.03 -17.30
CA SER A 69 8.61 -9.58 -17.05
C SER A 69 9.53 -10.79 -16.88
N MET A 70 10.81 -10.51 -16.62
CA MET A 70 11.83 -11.54 -16.63
C MET A 70 11.88 -12.28 -15.30
N ILE A 71 12.31 -13.53 -15.37
CA ILE A 71 12.51 -14.35 -14.19
C ILE A 71 13.90 -14.08 -13.61
N ASN A 72 13.99 -13.97 -12.29
CA ASN A 72 15.29 -13.90 -11.63
C ASN A 72 15.95 -15.26 -11.71
N GLY A 73 16.96 -15.39 -12.56
CA GLY A 73 17.54 -16.70 -12.81
C GLY A 73 18.25 -17.27 -11.60
N VAL A 74 18.86 -16.41 -10.78
CA VAL A 74 19.58 -16.91 -9.60
C VAL A 74 18.61 -17.62 -8.66
N VAL A 75 17.53 -16.94 -8.25
CA VAL A 75 16.66 -17.61 -7.30
C VAL A 75 15.88 -18.73 -7.98
N LYS A 76 15.63 -18.64 -9.29
CA LYS A 76 14.96 -19.74 -9.97
C LYS A 76 15.81 -21.02 -9.93
N LEU A 77 17.10 -20.92 -10.26
CA LEU A 77 17.98 -22.08 -10.20
C LEU A 77 18.00 -22.70 -8.80
N LEU A 78 17.77 -21.89 -7.77
CA LEU A 78 17.89 -22.36 -6.40
C LEU A 78 16.54 -22.77 -5.79
N THR A 79 15.45 -22.69 -6.55
CA THR A 79 14.12 -23.07 -6.05
C THR A 79 13.44 -24.04 -7.03
N LYS A 80 14.19 -25.03 -7.51
CA LYS A 80 13.68 -25.94 -8.54
C LYS A 80 12.34 -26.60 -8.22
N PRO A 81 12.07 -27.08 -7.00
CA PRO A 81 10.77 -27.72 -6.76
C PRO A 81 9.58 -26.80 -7.01
N TRP A 82 9.78 -25.49 -7.03
CA TRP A 82 8.71 -24.53 -7.30
C TRP A 82 8.60 -24.17 -8.75
N ASP A 83 9.40 -24.79 -9.62
CA ASP A 83 9.11 -24.71 -11.05
C ASP A 83 7.75 -25.31 -11.36
N VAL A 84 7.26 -26.24 -10.52
CA VAL A 84 6.04 -26.98 -10.77
C VAL A 84 4.97 -26.54 -9.75
N VAL A 85 4.77 -25.22 -9.61
CA VAL A 85 3.76 -24.68 -8.74
C VAL A 85 2.96 -23.62 -9.48
N PRO A 86 1.64 -23.80 -9.65
CA PRO A 86 0.87 -22.86 -10.48
C PRO A 86 0.91 -21.42 -10.02
N THR A 87 0.85 -21.16 -8.70
CA THR A 87 0.91 -19.78 -8.23
C THR A 87 2.24 -19.10 -8.60
N VAL A 88 3.34 -19.85 -8.60
CA VAL A 88 4.62 -19.27 -9.03
C VAL A 88 4.58 -18.89 -10.49
N THR A 89 4.00 -19.75 -11.34
CA THR A 89 3.94 -19.46 -12.77
C THR A 89 3.06 -18.27 -13.10
N GLN A 90 1.92 -18.14 -12.43
CA GLN A 90 1.00 -17.04 -12.72
C GLN A 90 1.66 -15.68 -12.50
N MET A 91 2.53 -15.59 -11.49
CA MET A 91 3.13 -14.30 -11.16
C MET A 91 4.06 -13.78 -12.25
N ALA A 92 4.34 -14.57 -13.29
CA ALA A 92 4.83 -14.00 -14.55
C ALA A 92 3.97 -12.78 -14.86
N MET A 93 4.58 -11.60 -14.74
CA MET A 93 3.93 -10.33 -14.42
C MET A 93 2.62 -10.05 -15.15
N THR A 94 1.78 -9.22 -14.53
CA THR A 94 0.50 -8.79 -15.10
C THR A 94 0.71 -7.99 -16.37
N ASP A 95 -0.39 -7.53 -16.98
CA ASP A 95 -0.34 -6.86 -18.27
C ASP A 95 -0.25 -5.36 -18.05
N THR A 96 0.94 -4.80 -18.27
CA THR A 96 1.12 -3.35 -18.28
C THR A 96 0.99 -2.75 -19.67
N THR A 97 0.73 -3.58 -20.68
CA THR A 97 0.50 -3.09 -22.03
C THR A 97 -0.78 -2.24 -22.08
N PRO A 98 -0.93 -1.40 -23.10
CA PRO A 98 -2.21 -0.68 -23.25
C PRO A 98 -3.40 -1.61 -23.33
N PHE A 99 -3.23 -2.80 -23.91
CA PHE A 99 -4.29 -3.80 -23.87
C PHE A 99 -4.65 -4.16 -22.44
N GLY A 100 -3.65 -4.53 -21.63
CA GLY A 100 -3.89 -4.79 -20.23
C GLY A 100 -4.27 -3.56 -19.42
N GLN A 101 -3.91 -2.37 -19.92
CA GLN A 101 -4.25 -1.14 -19.22
C GLN A 101 -5.72 -0.79 -19.38
N GLN A 102 -6.30 -1.05 -20.56
CA GLN A 102 -7.71 -0.78 -20.77
C GLN A 102 -8.60 -1.76 -20.02
N ARG A 103 -8.10 -2.97 -19.74
CA ARG A 103 -8.93 -3.98 -19.12
C ARG A 103 -9.14 -3.68 -17.64
N VAL A 104 -8.08 -3.24 -16.95
CA VAL A 104 -8.22 -2.78 -15.57
C VAL A 104 -9.22 -1.63 -15.48
N PHE A 105 -9.27 -0.79 -16.52
CA PHE A 105 -10.20 0.34 -16.51
C PHE A 105 -11.65 -0.12 -16.53
N LYS A 106 -11.95 -1.23 -17.22
CA LYS A 106 -13.33 -1.69 -17.32
C LYS A 106 -13.85 -2.19 -15.98
N GLU A 107 -13.01 -2.88 -15.21
CA GLU A 107 -13.43 -3.59 -14.01
C GLU A 107 -14.16 -2.66 -13.04
N LYS A 108 -13.45 -1.68 -12.47
CA LYS A 108 -14.05 -0.83 -11.45
C LYS A 108 -13.79 0.66 -11.64
N VAL A 109 -12.77 1.07 -12.40
CA VAL A 109 -12.44 2.50 -12.47
C VAL A 109 -13.54 3.27 -13.20
N ASP A 110 -14.20 2.65 -14.17
CA ASP A 110 -15.22 3.34 -14.96
C ASP A 110 -16.62 3.05 -14.43
N THR A 111 -16.81 3.35 -13.14
CA THR A 111 -18.12 3.23 -12.50
C THR A 111 -18.42 4.51 -11.73
N ARG A 112 -19.66 4.60 -11.25
CA ARG A 112 -20.09 5.72 -10.42
C ARG A 112 -20.57 5.18 -9.09
N THR A 113 -20.11 5.80 -8.01
CA THR A 113 -20.54 5.47 -6.65
C THR A 113 -21.75 6.33 -6.30
N PRO A 114 -22.86 5.73 -5.87
CA PRO A 114 -24.05 6.53 -5.57
C PRO A 114 -23.81 7.50 -4.42
N LYS A 115 -24.46 8.65 -4.50
CA LYS A 115 -24.31 9.68 -3.48
C LYS A 115 -24.85 9.19 -2.15
N PRO A 116 -24.13 9.36 -1.05
CA PRO A 116 -24.66 8.95 0.26
C PRO A 116 -25.87 9.77 0.64
N MET A 117 -26.67 9.18 1.52
CA MET A 117 -27.89 9.79 1.98
C MET A 117 -27.58 11.02 2.84
N PRO A 118 -28.53 11.94 2.97
CA PRO A 118 -28.21 13.21 3.65
C PRO A 118 -27.78 13.04 5.09
N GLY A 119 -28.38 12.10 5.82
CA GLY A 119 -27.94 11.86 7.18
C GLY A 119 -26.57 11.22 7.26
N THR A 120 -26.32 10.22 6.40
CA THR A 120 -24.96 9.67 6.26
C THR A 120 -23.93 10.77 6.03
N ARG A 121 -24.24 11.72 5.14
CA ARG A 121 -23.29 12.78 4.83
C ARG A 121 -22.98 13.61 6.05
N LYS A 122 -23.97 13.82 6.91
CA LYS A 122 -23.76 14.64 8.11
C LYS A 122 -22.86 13.93 9.13
N VAL A 123 -23.11 12.65 9.41
CA VAL A 123 -22.25 12.00 10.40
C VAL A 123 -20.83 11.86 9.88
N MET A 124 -20.66 11.71 8.56
CA MET A 124 -19.30 11.74 8.01
C MET A 124 -18.65 13.09 8.25
N GLU A 125 -19.39 14.18 8.06
CA GLU A 125 -18.79 15.50 8.28
C GLU A 125 -18.45 15.71 9.74
N ILE A 126 -19.34 15.33 10.66
CA ILE A 126 -19.07 15.43 12.09
C ILE A 126 -17.86 14.60 12.48
N THR A 127 -17.85 13.33 12.06
CA THR A 127 -16.74 12.44 12.41
C THR A 127 -15.44 12.95 11.82
N ALA A 128 -15.46 13.43 10.57
CA ALA A 128 -14.24 13.96 9.97
C ALA A 128 -13.69 15.13 10.76
N GLY A 129 -14.57 16.07 11.13
CA GLY A 129 -14.12 17.19 11.93
C GLY A 129 -13.45 16.75 13.23
N TRP A 130 -14.10 15.85 13.95
CA TRP A 130 -13.53 15.34 15.20
C TRP A 130 -12.23 14.59 14.95
N LEU A 131 -12.15 13.82 13.86
CA LEU A 131 -10.92 13.05 13.64
C LEU A 131 -9.74 13.96 13.31
N TRP A 132 -9.94 14.97 12.46
CA TRP A 132 -8.85 15.89 12.15
C TRP A 132 -8.38 16.64 13.40
N ARG A 133 -9.32 17.07 14.24
CA ARG A 133 -8.92 17.78 15.46
C ARG A 133 -8.12 16.86 16.38
N THR A 134 -8.55 15.59 16.52
CA THR A 134 -7.80 14.63 17.29
C THR A 134 -6.40 14.40 16.71
N LEU A 135 -6.32 14.29 15.39
CA LEU A 135 -5.03 14.05 14.74
C LEU A 135 -4.11 15.26 14.83
N GLY A 136 -4.67 16.46 15.01
CA GLY A 136 -3.86 17.65 15.03
C GLY A 136 -3.62 18.20 16.43
N ARG A 137 -3.83 17.35 17.44
CA ARG A 137 -3.85 17.85 18.81
C ARG A 137 -2.46 18.25 19.29
N ASN A 138 -1.40 17.56 18.84
CA ASN A 138 -0.02 17.87 19.16
C ASN A 138 0.77 18.40 17.98
N LYS A 139 0.47 17.96 16.77
CA LYS A 139 1.22 18.35 15.59
C LYS A 139 0.51 19.47 14.85
N ARG A 140 1.30 20.28 14.14
CA ARG A 140 0.77 21.32 13.28
C ARG A 140 1.18 21.03 11.84
N PRO A 141 0.28 21.24 10.89
CA PRO A 141 0.67 21.10 9.47
C PRO A 141 1.76 22.11 9.10
N ARG A 142 2.51 21.75 8.06
CA ARG A 142 3.60 22.58 7.59
C ARG A 142 3.86 22.23 6.13
N LEU A 143 4.44 23.20 5.42
CA LEU A 143 4.89 22.93 4.06
C LEU A 143 6.09 22.00 4.08
N CYS A 144 6.17 21.12 3.09
CA CYS A 144 7.39 20.39 2.85
C CYS A 144 8.21 21.12 1.80
N THR A 145 9.47 20.72 1.68
CA THR A 145 10.47 21.57 1.03
C THR A 145 11.12 20.86 -0.14
N ARG A 146 11.68 21.68 -1.04
CA ARG A 146 12.50 21.17 -2.14
C ARG A 146 13.67 20.32 -1.61
N GLU A 147 14.24 20.72 -0.47
CA GLU A 147 15.36 19.95 0.09
C GLU A 147 14.91 18.59 0.61
N GLU A 148 13.74 18.52 1.27
CA GLU A 148 13.19 17.24 1.68
C GLU A 148 12.92 16.36 0.46
N PHE A 149 12.25 16.92 -0.55
CA PHE A 149 11.93 16.16 -1.75
C PHE A 149 13.18 15.68 -2.45
N THR A 150 14.22 16.52 -2.52
CA THR A 150 15.45 16.14 -3.18
C THR A 150 16.15 15.01 -2.44
N LYS A 151 16.23 15.13 -1.10
CA LYS A 151 16.85 14.08 -0.31
C LYS A 151 16.11 12.75 -0.46
N LYS A 152 14.78 12.80 -0.45
CA LYS A 152 14.00 11.57 -0.59
C LYS A 152 14.28 10.87 -1.91
N VAL A 153 14.37 11.65 -3.00
CA VAL A 153 14.63 11.03 -4.30
C VAL A 153 15.99 10.35 -4.31
N ARG A 154 17.03 11.05 -3.83
CA ARG A 154 18.39 10.53 -3.95
C ARG A 154 18.58 9.25 -3.16
N THR A 155 17.84 9.08 -2.06
CA THR A 155 17.84 7.84 -1.30
C THR A 155 16.71 6.91 -1.71
N ASN A 156 15.99 7.23 -2.79
CA ASN A 156 14.87 6.43 -3.31
C ASN A 156 13.68 6.35 -2.35
N ASP A 170 10.32 15.78 -19.64
CA ASP A 170 9.18 15.76 -18.74
C ASP A 170 9.01 14.39 -18.09
N SER A 171 10.14 13.74 -17.81
CA SER A 171 10.17 12.44 -17.16
C SER A 171 10.82 12.56 -15.79
N ALA A 172 10.38 11.71 -14.86
CA ALA A 172 10.79 11.80 -13.46
C ALA A 172 11.96 10.87 -13.19
N ARG A 173 13.16 11.44 -13.01
CA ARG A 173 14.34 10.68 -12.63
C ARG A 173 15.07 11.40 -11.51
N ALA A 174 16.20 10.83 -11.09
CA ALA A 174 17.15 11.50 -10.22
C ALA A 174 17.92 12.60 -10.92
N ALA A 175 17.65 12.82 -12.21
CA ALA A 175 18.36 13.81 -12.99
C ALA A 175 17.66 15.15 -13.06
N VAL A 176 16.41 15.25 -12.64
CA VAL A 176 15.72 16.53 -12.74
C VAL A 176 16.01 17.43 -11.54
N GLU A 177 16.25 16.85 -10.36
CA GLU A 177 16.39 17.66 -9.15
C GLU A 177 17.70 18.41 -9.10
N ASP A 178 18.72 17.98 -9.85
CA ASP A 178 19.95 18.75 -9.95
C ASP A 178 19.84 19.86 -10.98
N GLU A 179 18.95 19.72 -11.96
CA GLU A 179 18.70 20.77 -12.93
C GLU A 179 17.66 21.74 -12.39
N GLU A 180 17.88 23.04 -12.62
CA GLU A 180 16.92 24.04 -12.18
C GLU A 180 15.59 23.91 -12.93
N PHE A 181 15.00 22.72 -12.89
CA PHE A 181 13.59 22.48 -13.21
C PHE A 181 12.67 22.95 -12.09
N TRP A 182 13.25 23.45 -11.00
CA TRP A 182 12.49 24.04 -9.91
C TRP A 182 11.87 25.37 -10.32
N LYS A 183 12.37 25.99 -11.38
CA LYS A 183 11.70 27.17 -11.92
C LYS A 183 10.41 26.78 -12.64
N LEU A 184 10.35 25.59 -13.23
CA LEU A 184 9.06 25.12 -13.74
C LEU A 184 8.11 24.84 -12.58
N VAL A 185 8.61 24.18 -11.54
CA VAL A 185 7.85 24.03 -10.30
C VAL A 185 7.41 25.38 -9.76
N ASP A 186 8.34 26.35 -9.76
CA ASP A 186 8.02 27.70 -9.27
C ASP A 186 6.90 28.34 -10.09
N ARG A 187 6.93 28.16 -11.41
CA ARG A 187 5.94 28.83 -12.23
C ARG A 187 4.55 28.21 -12.07
N GLU A 188 4.50 26.88 -11.89
CA GLU A 188 3.21 26.23 -11.68
C GLU A 188 2.63 26.54 -10.30
N ARG A 189 3.49 26.70 -9.28
CA ARG A 189 2.99 27.09 -7.96
C ARG A 189 2.33 28.46 -7.99
N GLU A 190 2.90 29.40 -8.74
CA GLU A 190 2.27 30.72 -8.86
C GLU A 190 0.88 30.60 -9.49
N LEU A 191 0.69 29.67 -10.42
CA LEU A 191 -0.65 29.42 -10.91
C LEU A 191 -1.56 28.89 -9.81
N HIS A 192 -1.06 27.93 -9.01
CA HIS A 192 -1.86 27.40 -7.91
C HIS A 192 -2.27 28.49 -6.93
N LYS A 193 -1.36 29.44 -6.66
CA LYS A 193 -1.71 30.53 -5.75
C LYS A 193 -2.82 31.41 -6.31
N GLN A 194 -3.00 31.43 -7.62
CA GLN A 194 -4.10 32.15 -8.25
C GLN A 194 -5.35 31.29 -8.43
N GLY A 195 -5.35 30.07 -7.90
CA GLY A 195 -6.46 29.16 -8.11
C GLY A 195 -6.52 28.50 -9.47
N LYS A 196 -5.44 28.57 -10.24
CA LYS A 196 -5.37 27.94 -11.56
C LYS A 196 -4.39 26.78 -11.51
N CYS A 197 -4.50 25.90 -12.51
CA CYS A 197 -3.58 24.79 -12.67
C CYS A 197 -3.24 24.67 -14.13
N GLY A 198 -1.97 24.41 -14.42
CA GLY A 198 -1.50 24.40 -15.79
C GLY A 198 -1.07 23.05 -16.32
N SER A 199 -0.45 22.22 -15.48
CA SER A 199 0.18 21.00 -16.01
C SER A 199 0.18 19.85 -15.02
N CYS A 200 -0.74 19.83 -14.05
CA CYS A 200 -0.78 18.76 -13.06
C CYS A 200 -1.69 17.65 -13.58
N VAL A 201 -1.06 16.61 -14.12
CA VAL A 201 -1.72 15.51 -14.81
C VAL A 201 -1.05 14.22 -14.36
N TYR A 202 -1.82 13.16 -14.20
CA TYR A 202 -1.23 11.86 -13.91
C TYR A 202 -1.74 10.84 -14.93
N ASN A 203 -0.99 9.75 -15.06
CA ASN A 203 -1.27 8.72 -16.06
C ASN A 203 -1.43 7.38 -15.37
N MET A 204 -2.16 6.48 -16.03
CA MET A 204 -2.40 5.13 -15.53
C MET A 204 -1.51 4.11 -16.23
N MET A 227 5.50 18.89 -16.64
CA MET A 227 6.31 18.04 -15.78
C MET A 227 5.44 17.19 -14.86
N TRP A 228 5.67 15.88 -14.87
CA TRP A 228 4.95 14.98 -13.98
C TRP A 228 5.53 15.00 -12.57
N LEU A 229 6.86 14.94 -12.45
CA LEU A 229 7.49 15.01 -11.14
C LEU A 229 7.23 16.37 -10.49
N GLY A 230 7.02 17.41 -11.30
CA GLY A 230 6.71 18.71 -10.73
C GLY A 230 5.37 18.72 -10.03
N ALA A 231 4.35 18.13 -10.67
CA ALA A 231 3.05 18.03 -10.04
C ALA A 231 3.14 17.24 -8.74
N ARG A 232 3.97 16.20 -8.71
CA ARG A 232 4.08 15.40 -7.49
C ARG A 232 4.90 16.12 -6.43
N TYR A 233 5.87 16.96 -6.80
CA TYR A 233 6.51 17.78 -5.78
C TYR A 233 5.52 18.72 -5.13
N LEU A 234 4.72 19.41 -5.95
CA LEU A 234 3.78 20.40 -5.41
C LEU A 234 2.78 19.75 -4.48
N GLU A 235 2.34 18.53 -4.81
CA GLU A 235 1.48 17.78 -3.90
C GLU A 235 2.22 17.43 -2.62
N PHE A 236 3.46 16.95 -2.74
CA PHE A 236 4.28 16.67 -1.56
C PHE A 236 4.47 17.92 -0.72
N GLU A 237 4.67 19.07 -1.37
CA GLU A 237 4.90 20.30 -0.62
C GLU A 237 3.70 20.64 0.25
N ALA A 238 2.48 20.48 -0.29
CA ALA A 238 1.29 20.90 0.45
C ALA A 238 0.78 19.83 1.40
N LEU A 239 0.95 18.54 1.08
CA LEU A 239 0.35 17.47 1.87
C LEU A 239 1.36 16.46 2.38
N GLY A 240 2.63 16.57 2.02
CA GLY A 240 3.62 15.63 2.46
C GLY A 240 3.80 15.57 3.97
N PHE A 241 3.36 16.61 4.69
CA PHE A 241 3.52 16.61 6.14
C PHE A 241 2.82 15.42 6.79
N LEU A 242 1.71 14.95 6.19
CA LEU A 242 0.97 13.82 6.77
C LEU A 242 1.87 12.61 6.92
N ASN A 243 2.72 12.36 5.93
CA ASN A 243 3.67 11.25 5.98
C ASN A 243 4.95 11.64 6.71
N GLU A 244 5.53 12.81 6.40
CA GLU A 244 6.84 13.16 6.93
C GLU A 244 6.79 13.45 8.42
N ASP A 245 5.67 13.97 8.93
CA ASP A 245 5.52 14.19 10.36
C ASP A 245 4.70 13.11 11.04
N HIS A 246 4.47 11.98 10.36
CA HIS A 246 3.94 10.76 10.97
C HIS A 246 2.57 10.96 11.59
N TRP A 247 1.68 11.65 10.88
CA TRP A 247 0.35 11.91 11.41
C TRP A 247 -0.43 10.61 11.65
N PHE A 248 -0.11 9.54 10.95
CA PHE A 248 -0.82 8.28 11.09
C PHE A 248 0.01 7.20 11.78
N SER A 249 1.06 7.58 12.48
CA SER A 249 1.67 6.67 13.45
C SER A 249 0.61 6.24 14.46
N ARG A 250 0.91 5.15 15.17
CA ARG A 250 -0.06 4.63 16.13
C ARG A 250 -0.18 5.52 17.35
N GLU A 251 0.92 6.14 17.78
CA GLU A 251 0.86 7.04 18.92
C GLU A 251 -0.01 8.25 18.61
N ASN A 252 0.08 8.77 17.39
CA ASN A 252 -0.69 9.96 17.05
C ASN A 252 -2.12 9.63 16.64
N SER A 253 -2.33 8.53 15.90
CA SER A 253 -3.63 8.26 15.29
C SER A 253 -4.43 7.17 15.98
N TYR A 254 -3.80 6.40 16.90
CA TYR A 254 -4.42 5.32 17.66
C TYR A 254 -4.75 4.10 16.80
N SER A 255 -5.33 4.30 15.62
CA SER A 255 -5.64 3.21 14.70
C SER A 255 -4.53 2.94 13.70
N GLY A 256 -3.65 3.92 13.46
CA GLY A 256 -2.70 3.81 12.38
C GLY A 256 -1.52 2.94 12.75
N VAL A 257 -0.76 2.58 11.71
CA VAL A 257 0.43 1.76 11.87
C VAL A 257 1.58 2.31 11.01
N GLU A 258 1.55 3.61 10.73
CA GLU A 258 2.60 4.20 9.89
C GLU A 258 3.95 4.00 10.54
N GLY A 259 4.92 3.57 9.74
CA GLY A 259 6.26 3.32 10.23
C GLY A 259 6.42 2.17 11.21
N GLU A 260 5.37 1.37 11.46
CA GLU A 260 5.53 0.32 12.45
C GLU A 260 6.41 -0.81 11.92
N GLY A 261 6.15 -1.26 10.70
CA GLY A 261 6.99 -2.31 10.15
C GLY A 261 6.38 -3.68 10.30
N LEU A 262 6.60 -4.55 9.31
CA LEU A 262 5.90 -5.83 9.25
C LEU A 262 6.11 -6.66 10.51
N HIS A 263 7.32 -6.64 11.07
CA HIS A 263 7.64 -7.39 12.27
C HIS A 263 6.92 -6.88 13.51
N LYS A 264 6.27 -5.72 13.43
CA LYS A 264 5.50 -5.21 14.55
C LYS A 264 4.00 -5.41 14.41
N LEU A 265 3.49 -5.53 13.17
CA LEU A 265 2.06 -5.59 12.94
C LEU A 265 1.39 -6.73 13.70
N GLY A 266 2.04 -7.89 13.77
CA GLY A 266 1.45 -9.01 14.49
C GLY A 266 1.33 -8.75 15.98
N TYR A 267 2.37 -8.16 16.58
CA TYR A 267 2.29 -7.77 17.98
C TYR A 267 1.13 -6.80 18.21
N ILE A 268 0.92 -5.87 17.28
CA ILE A 268 -0.19 -4.92 17.42
C ILE A 268 -1.52 -5.66 17.37
N LEU A 269 -1.67 -6.59 16.43
CA LEU A 269 -2.90 -7.38 16.38
C LEU A 269 -3.12 -8.16 17.67
N ARG A 270 -2.06 -8.73 18.24
CA ARG A 270 -2.19 -9.45 19.50
C ARG A 270 -2.62 -8.51 20.63
N ASP A 271 -2.06 -7.30 20.67
CA ASP A 271 -2.49 -6.31 21.65
C ASP A 271 -3.95 -5.94 21.48
N ILE A 272 -4.41 -5.79 20.23
CA ILE A 272 -5.82 -5.50 20.01
C ILE A 272 -6.69 -6.64 20.55
N SER A 273 -6.24 -7.89 20.40
CA SER A 273 -7.03 -9.03 20.88
C SER A 273 -7.26 -8.99 22.39
N LYS A 274 -6.42 -8.28 23.13
CA LYS A 274 -6.60 -8.20 24.58
C LYS A 274 -7.72 -7.26 25.00
N ILE A 275 -8.21 -6.43 24.09
CA ILE A 275 -9.30 -5.50 24.42
C ILE A 275 -10.60 -6.28 24.49
N PRO A 276 -11.39 -6.15 25.55
CA PRO A 276 -12.69 -6.82 25.60
C PRO A 276 -13.61 -6.34 24.47
N GLY A 277 -14.30 -7.30 23.88
CA GLY A 277 -15.25 -6.99 22.81
C GLY A 277 -15.64 -8.27 22.09
N GLY A 278 -16.11 -8.11 20.86
CA GLY A 278 -16.49 -9.23 20.03
C GLY A 278 -15.34 -9.77 19.23
N ALA A 279 -15.68 -10.42 18.12
CA ALA A 279 -14.69 -10.95 17.19
C ALA A 279 -13.88 -9.83 16.54
N MET A 280 -12.79 -10.22 15.90
CA MET A 280 -11.98 -9.31 15.11
C MET A 280 -12.41 -9.40 13.64
N TYR A 281 -12.71 -8.25 13.04
CA TYR A 281 -13.23 -8.18 11.67
C TYR A 281 -12.21 -7.52 10.75
N ALA A 282 -12.07 -8.07 9.53
CA ALA A 282 -11.11 -7.59 8.56
C ALA A 282 -11.73 -7.66 7.16
N ASP A 283 -12.72 -6.80 6.91
CA ASP A 283 -13.41 -6.81 5.62
C ASP A 283 -12.61 -6.04 4.58
N ASP A 284 -12.44 -6.63 3.40
CA ASP A 284 -11.83 -5.93 2.27
C ASP A 284 -12.92 -5.24 1.46
N THR A 285 -12.62 -4.01 1.04
CA THR A 285 -13.52 -3.22 0.21
C THR A 285 -13.21 -3.47 -1.25
N ALA A 286 -14.26 -3.60 -2.05
CA ALA A 286 -14.09 -3.77 -3.49
C ALA A 286 -13.63 -2.45 -4.09
N GLY A 287 -12.37 -2.43 -4.58
CA GLY A 287 -11.83 -1.27 -5.26
C GLY A 287 -11.99 0.02 -4.48
N TRP A 288 -11.30 0.10 -3.34
CA TRP A 288 -11.47 1.23 -2.42
C TRP A 288 -11.25 2.57 -3.11
N ASP A 289 -10.16 2.70 -3.84
CA ASP A 289 -9.84 3.98 -4.47
C ASP A 289 -10.95 4.46 -5.38
N THR A 290 -11.71 3.54 -5.98
CA THR A 290 -12.82 3.95 -6.83
C THR A 290 -14.08 4.32 -6.04
N ARG A 291 -14.10 4.07 -4.73
CA ARG A 291 -15.27 4.34 -3.91
C ARG A 291 -15.13 5.60 -3.07
N ILE A 292 -14.04 6.36 -3.25
CA ILE A 292 -13.85 7.65 -2.61
C ILE A 292 -14.80 8.65 -3.26
N THR A 293 -15.76 9.16 -2.50
CA THR A 293 -16.81 10.02 -3.02
C THR A 293 -16.42 11.50 -2.96
N GLU A 294 -17.22 12.34 -3.63
CA GLU A 294 -17.07 13.78 -3.50
C GLU A 294 -17.19 14.21 -2.03
N ASP A 295 -18.08 13.57 -1.27
CA ASP A 295 -18.17 13.88 0.15
C ASP A 295 -16.90 13.47 0.89
N ASP A 296 -16.33 12.31 0.54
CA ASP A 296 -15.06 11.91 1.16
C ASP A 296 -13.99 12.97 0.92
N LEU A 297 -13.84 13.44 -0.31
CA LEU A 297 -12.79 14.41 -0.62
C LEU A 297 -12.99 15.72 0.11
N HIS A 298 -14.25 16.16 0.25
CA HIS A 298 -14.54 17.37 1.01
C HIS A 298 -14.19 17.20 2.48
N ASN A 299 -14.41 16.00 3.02
CA ASN A 299 -14.09 15.77 4.42
C ASN A 299 -12.59 15.74 4.64
N GLU A 300 -11.84 15.13 3.71
CA GLU A 300 -10.40 15.10 3.82
C GLU A 300 -9.82 16.51 3.75
N GLU A 301 -10.47 17.40 3.00
CA GLU A 301 -9.98 18.76 2.83
C GLU A 301 -9.98 19.57 4.11
N LYS A 302 -10.78 19.15 5.11
CA LYS A 302 -10.88 19.91 6.35
C LYS A 302 -9.55 20.11 7.06
N ILE A 303 -8.51 19.34 6.71
CA ILE A 303 -7.22 19.54 7.34
C ILE A 303 -6.69 20.94 7.05
N THR A 304 -7.11 21.56 5.94
CA THR A 304 -6.63 22.91 5.64
C THR A 304 -7.04 23.93 6.70
N GLN A 305 -8.07 23.66 7.49
CA GLN A 305 -8.44 24.60 8.53
C GLN A 305 -7.39 24.72 9.63
N GLN A 306 -6.44 23.79 9.71
CA GLN A 306 -5.37 23.87 10.70
C GLN A 306 -4.10 24.48 10.14
N MET A 307 -4.11 24.96 8.90
CA MET A 307 -2.89 25.42 8.26
C MET A 307 -2.75 26.94 8.37
N ASP A 308 -1.49 27.38 8.27
CA ASP A 308 -1.20 28.78 8.03
C ASP A 308 -1.73 29.19 6.65
N PRO A 309 -2.01 30.49 6.45
CA PRO A 309 -2.69 30.89 5.21
C PRO A 309 -1.89 30.63 3.95
N GLU A 310 -0.57 30.81 3.97
CA GLU A 310 0.23 30.46 2.80
C GLU A 310 0.17 28.96 2.52
N HIS A 311 0.19 28.14 3.57
CA HIS A 311 0.05 26.69 3.39
C HIS A 311 -1.37 26.33 2.96
N ARG A 312 -2.37 26.91 3.62
CA ARG A 312 -3.77 26.63 3.27
C ARG A 312 -4.02 26.88 1.79
N GLN A 313 -3.44 27.97 1.26
CA GLN A 313 -3.65 28.33 -0.14
C GLN A 313 -3.14 27.26 -1.08
N LEU A 314 -1.96 26.70 -0.80
CA LEU A 314 -1.39 25.67 -1.66
C LEU A 314 -2.08 24.32 -1.47
N ALA A 315 -2.49 23.99 -0.24
CA ALA A 315 -3.22 22.73 -0.06
C ALA A 315 -4.63 22.82 -0.63
N ASN A 316 -5.28 23.97 -0.47
CA ASN A 316 -6.58 24.16 -1.11
C ASN A 316 -6.46 24.01 -2.63
N ALA A 317 -5.34 24.43 -3.21
CA ALA A 317 -5.18 24.29 -4.65
C ALA A 317 -5.02 22.82 -5.03
N ILE A 318 -4.26 22.06 -4.24
CA ILE A 318 -4.13 20.63 -4.50
C ILE A 318 -5.49 19.94 -4.43
N PHE A 319 -6.26 20.23 -3.38
CA PHE A 319 -7.54 19.53 -3.18
C PHE A 319 -8.54 19.88 -4.27
N LYS A 320 -8.69 21.18 -4.57
CA LYS A 320 -9.73 21.62 -5.50
C LYS A 320 -9.36 21.33 -6.94
N LEU A 321 -8.08 21.48 -7.30
CA LEU A 321 -7.69 21.43 -8.70
C LEU A 321 -7.15 20.07 -9.13
N THR A 322 -6.66 19.25 -8.20
CA THR A 322 -6.00 17.99 -8.51
C THR A 322 -6.70 16.77 -7.93
N TYR A 323 -7.39 16.90 -6.80
CA TYR A 323 -8.10 15.78 -6.20
C TYR A 323 -9.57 15.76 -6.57
N GLN A 324 -10.24 16.91 -6.46
CA GLN A 324 -11.66 17.05 -6.78
C GLN A 324 -11.91 17.43 -8.23
N ASN A 325 -10.86 17.78 -8.97
CA ASN A 325 -10.89 17.80 -10.44
C ASN A 325 -9.59 17.15 -10.89
N LYS A 326 -9.67 16.12 -11.72
CA LYS A 326 -8.48 15.42 -12.14
C LYS A 326 -8.45 15.28 -13.65
N VAL A 327 -7.25 15.33 -14.22
CA VAL A 327 -7.00 15.12 -15.65
C VAL A 327 -6.04 13.95 -15.77
N VAL A 328 -6.43 12.94 -16.54
CA VAL A 328 -5.71 11.66 -16.56
C VAL A 328 -5.40 11.27 -18.00
N LYS A 329 -4.21 10.73 -18.20
CA LYS A 329 -3.80 10.13 -19.46
C LYS A 329 -3.87 8.61 -19.34
N VAL A 330 -4.38 7.95 -20.36
CA VAL A 330 -4.52 6.50 -20.36
C VAL A 330 -4.30 5.98 -21.78
N GLN A 331 -3.45 4.97 -21.91
CA GLN A 331 -3.16 4.39 -23.21
C GLN A 331 -4.27 3.42 -23.61
N ARG A 332 -4.58 3.39 -24.91
CA ARG A 332 -5.62 2.53 -25.45
C ARG A 332 -5.18 1.97 -26.80
N PRO A 333 -5.42 0.67 -27.04
CA PRO A 333 -5.17 0.12 -28.37
C PRO A 333 -6.35 0.37 -29.30
N THR A 334 -6.04 0.67 -30.55
CA THR A 334 -7.01 0.91 -31.61
C THR A 334 -6.47 0.26 -32.88
N PRO A 335 -7.34 -0.07 -33.84
CA PRO A 335 -6.87 -0.68 -35.09
C PRO A 335 -5.83 0.14 -35.86
N LYS A 336 -5.64 1.43 -35.54
CA LYS A 336 -4.54 2.19 -36.11
C LYS A 336 -3.26 2.11 -35.28
N GLY A 337 -3.38 1.78 -34.00
CA GLY A 337 -2.25 1.58 -33.12
C GLY A 337 -2.64 1.87 -31.68
N THR A 338 -1.65 2.36 -30.93
CA THR A 338 -1.85 2.81 -29.56
C THR A 338 -2.22 4.29 -29.56
N VAL A 339 -2.93 4.70 -28.53
CA VAL A 339 -3.52 6.03 -28.46
C VAL A 339 -3.55 6.46 -26.99
N MET A 340 -3.25 7.74 -26.73
CA MET A 340 -3.32 8.29 -25.38
C MET A 340 -4.61 9.10 -25.26
N ASP A 341 -5.51 8.64 -24.39
CA ASP A 341 -6.76 9.33 -24.14
C ASP A 341 -6.62 10.29 -22.97
N ILE A 342 -7.38 11.39 -23.03
CA ILE A 342 -7.38 12.41 -21.99
C ILE A 342 -8.77 12.44 -21.38
N ILE A 343 -8.87 12.05 -20.10
CA ILE A 343 -10.14 11.92 -19.42
C ILE A 343 -10.10 12.71 -18.12
N SER A 344 -11.29 12.93 -17.55
CA SER A 344 -11.40 13.72 -16.33
C SER A 344 -12.64 13.30 -15.55
N ARG A 345 -12.59 13.52 -14.24
CA ARG A 345 -13.73 13.29 -13.36
C ARG A 345 -13.50 14.05 -12.05
N LYS A 346 -14.53 14.07 -11.21
CA LYS A 346 -14.55 14.89 -10.01
C LYS A 346 -14.42 14.12 -8.71
N ASP A 347 -14.56 12.79 -8.73
CA ASP A 347 -14.41 12.00 -7.51
C ASP A 347 -13.40 10.89 -7.76
N GLN A 348 -13.42 9.88 -6.89
CA GLN A 348 -12.42 8.80 -6.82
C GLN A 348 -11.06 9.34 -6.41
N ARG A 349 -10.13 8.46 -6.09
CA ARG A 349 -8.77 8.87 -5.75
C ARG A 349 -7.80 8.34 -6.79
N GLY A 350 -6.83 9.18 -7.17
CA GLY A 350 -5.76 8.75 -8.04
C GLY A 350 -4.69 8.02 -7.25
N SER A 351 -4.38 6.79 -7.65
CA SER A 351 -3.47 5.97 -6.85
C SER A 351 -2.04 6.48 -6.91
N GLY A 352 -1.65 7.13 -8.01
CA GLY A 352 -0.30 7.65 -8.13
C GLY A 352 -0.13 9.03 -7.50
N GLN A 353 -0.26 9.11 -6.18
CA GLN A 353 -0.25 10.40 -5.49
C GLN A 353 0.35 10.23 -4.10
N VAL A 354 1.17 11.21 -3.70
CA VAL A 354 1.54 11.32 -2.29
C VAL A 354 0.26 11.61 -1.51
N GLY A 355 0.22 11.20 -0.25
CA GLY A 355 -0.98 11.40 0.51
C GLY A 355 -2.14 10.48 0.19
N THR A 356 -2.04 9.64 -0.85
CA THR A 356 -3.05 8.62 -1.07
C THR A 356 -3.16 7.71 0.14
N TYR A 357 -2.02 7.26 0.67
CA TYR A 357 -2.02 6.35 1.81
C TYR A 357 -2.63 7.01 3.05
N GLY A 358 -2.20 8.25 3.34
CA GLY A 358 -2.68 8.91 4.53
C GLY A 358 -4.15 9.29 4.45
N LEU A 359 -4.57 9.76 3.28
CA LEU A 359 -5.97 10.13 3.17
C LEU A 359 -6.88 8.90 3.14
N ASN A 360 -6.41 7.78 2.56
CA ASN A 360 -7.16 6.53 2.65
C ASN A 360 -7.24 6.03 4.09
N THR A 361 -6.14 6.14 4.82
CA THR A 361 -6.14 5.75 6.22
C THR A 361 -7.13 6.59 7.02
N PHE A 362 -7.15 7.90 6.76
CA PHE A 362 -8.07 8.82 7.44
C PHE A 362 -9.52 8.44 7.17
N THR A 363 -9.87 8.28 5.90
CA THR A 363 -11.25 8.02 5.54
C THR A 363 -11.67 6.62 5.95
N ASN A 364 -10.74 5.66 5.97
CA ASN A 364 -11.09 4.33 6.48
C ASN A 364 -11.29 4.38 8.00
N MET A 365 -10.47 5.15 8.71
CA MET A 365 -10.67 5.36 10.15
C MET A 365 -12.06 5.93 10.43
N GLU A 366 -12.44 6.97 9.68
CA GLU A 366 -13.76 7.55 9.82
C GLU A 366 -14.85 6.54 9.49
N ALA A 367 -14.68 5.79 8.40
CA ALA A 367 -15.70 4.82 8.00
C ALA A 367 -15.87 3.74 9.06
N GLN A 368 -14.77 3.21 9.61
CA GLN A 368 -14.91 2.13 10.58
C GLN A 368 -15.50 2.64 11.89
N LEU A 369 -15.15 3.87 12.30
CA LEU A 369 -15.77 4.48 13.48
C LEU A 369 -17.27 4.57 13.31
N ILE A 370 -17.72 5.01 12.13
CA ILE A 370 -19.15 5.12 11.90
C ILE A 370 -19.80 3.75 11.94
N ARG A 371 -19.14 2.72 11.39
CA ARG A 371 -19.71 1.38 11.48
C ARG A 371 -19.79 0.91 12.93
N GLN A 372 -18.77 1.19 13.74
CA GLN A 372 -18.87 0.86 15.17
C GLN A 372 -20.03 1.61 15.81
N MET A 373 -20.22 2.88 15.43
CA MET A 373 -21.36 3.66 15.90
C MET A 373 -22.67 2.95 15.60
N GLU A 374 -22.84 2.50 14.35
CA GLU A 374 -24.08 1.85 13.97
C GLU A 374 -24.26 0.54 14.72
N GLY A 375 -23.18 -0.21 14.93
CA GLY A 375 -23.29 -1.45 15.66
C GLY A 375 -23.77 -1.24 17.09
N GLU A 376 -23.35 -0.14 17.72
CA GLU A 376 -23.70 0.14 19.10
C GLU A 376 -25.07 0.80 19.25
N GLY A 377 -25.78 1.03 18.16
CA GLY A 377 -27.11 1.61 18.24
C GLY A 377 -27.16 3.12 18.16
N VAL A 378 -26.02 3.79 17.93
CA VAL A 378 -25.99 5.24 17.89
C VAL A 378 -26.68 5.77 16.63
N LEU A 379 -26.52 5.08 15.51
CA LEU A 379 -27.11 5.48 14.24
C LEU A 379 -28.13 4.45 13.80
N SER A 380 -29.30 4.92 13.38
CA SER A 380 -30.32 4.09 12.78
C SER A 380 -30.49 4.45 11.31
N LYS A 381 -31.27 3.63 10.61
CA LYS A 381 -31.58 3.91 9.21
C LYS A 381 -32.33 5.24 9.07
N THR A 382 -33.20 5.56 10.04
CA THR A 382 -33.87 6.85 10.03
C THR A 382 -32.87 7.99 10.18
N ASP A 383 -31.85 7.82 11.03
CA ASP A 383 -30.79 8.83 11.14
C ASP A 383 -30.08 9.03 9.80
N LEU A 384 -29.71 7.94 9.14
CA LEU A 384 -28.91 8.04 7.92
C LEU A 384 -29.70 8.71 6.79
N GLU A 385 -31.03 8.62 6.81
CA GLU A 385 -31.87 9.28 5.81
C GLU A 385 -32.25 10.71 6.16
N ASN A 386 -31.93 11.17 7.37
CA ASN A 386 -32.49 12.39 7.91
C ASN A 386 -31.68 13.60 7.46
N PRO A 387 -32.24 14.51 6.66
CA PRO A 387 -31.49 15.73 6.31
C PRO A 387 -31.35 16.73 7.45
N HIS A 388 -32.03 16.54 8.57
CA HIS A 388 -31.93 17.44 9.72
C HIS A 388 -31.44 16.70 10.94
N LEU A 389 -30.53 15.75 10.73
CA LEU A 389 -30.01 14.93 11.83
C LEU A 389 -29.37 15.80 12.89
N LEU A 390 -29.68 15.51 14.16
CA LEU A 390 -29.08 16.20 15.29
C LEU A 390 -27.66 15.70 15.55
N GLU A 391 -26.74 16.64 15.80
CA GLU A 391 -25.34 16.30 15.99
C GLU A 391 -25.04 15.73 17.37
N LYS A 392 -25.90 16.01 18.36
CA LYS A 392 -25.59 15.81 19.77
C LYS A 392 -25.07 14.41 20.06
N LYS A 393 -25.88 13.39 19.76
CA LYS A 393 -25.53 12.01 20.11
C LYS A 393 -24.25 11.56 19.41
N ILE A 394 -24.00 12.07 18.20
CA ILE A 394 -22.78 11.73 17.47
C ILE A 394 -21.57 12.34 18.17
N THR A 395 -21.63 13.66 18.40
CA THR A 395 -20.54 14.33 19.09
C THR A 395 -20.27 13.73 20.45
N GLN A 396 -21.33 13.42 21.21
CA GLN A 396 -21.11 12.91 22.57
C GLN A 396 -20.41 11.56 22.51
N TRP A 397 -20.83 10.68 21.61
CA TRP A 397 -20.15 9.41 21.43
C TRP A 397 -18.70 9.61 21.04
N LEU A 398 -18.43 10.52 20.11
CA LEU A 398 -17.06 10.74 19.68
C LEU A 398 -16.19 11.28 20.82
N GLU A 399 -16.73 12.18 21.64
CA GLU A 399 -15.91 12.78 22.68
C GLU A 399 -15.76 11.86 23.89
N THR A 400 -16.72 10.98 24.16
CA THR A 400 -16.58 10.06 25.28
C THR A 400 -16.00 8.71 24.89
N LYS A 401 -16.20 8.24 23.65
CA LYS A 401 -15.79 6.90 23.27
C LYS A 401 -14.81 6.85 22.10
N GLY A 402 -14.65 7.93 21.35
CA GLY A 402 -13.97 7.85 20.05
C GLY A 402 -12.56 7.31 20.14
N VAL A 403 -11.75 7.87 21.06
CA VAL A 403 -10.36 7.42 21.20
C VAL A 403 -10.31 5.94 21.59
N GLU A 404 -11.15 5.52 22.54
CA GLU A 404 -11.19 4.11 22.91
C GLU A 404 -11.54 3.24 21.71
N ARG A 405 -12.44 3.72 20.85
CA ARG A 405 -12.85 2.93 19.69
C ARG A 405 -11.80 2.93 18.58
N LEU A 406 -11.02 4.01 18.47
CA LEU A 406 -9.90 3.99 17.52
C LEU A 406 -8.84 2.97 17.94
N LYS A 407 -8.66 2.79 19.24
CA LYS A 407 -7.62 1.86 19.69
C LYS A 407 -7.96 0.42 19.39
N ARG A 408 -9.23 0.13 19.07
CA ARG A 408 -9.68 -1.20 18.70
C ARG A 408 -9.38 -1.57 17.27
N MET A 409 -8.62 -0.74 16.55
CA MET A 409 -8.47 -0.89 15.11
C MET A 409 -7.01 -0.81 14.71
N ALA A 410 -6.65 -1.58 13.69
CA ALA A 410 -5.41 -1.41 12.94
C ALA A 410 -5.82 -1.12 11.50
N ILE A 411 -5.41 0.04 10.98
CA ILE A 411 -5.88 0.57 9.71
C ILE A 411 -4.68 1.05 8.91
N SER A 412 -4.46 0.45 7.75
CA SER A 412 -3.38 0.83 6.85
C SER A 412 -4.00 1.06 5.47
N GLY A 413 -4.26 2.33 5.15
CA GLY A 413 -4.97 2.64 3.91
C GLY A 413 -6.34 1.99 3.92
N ASP A 414 -6.62 1.17 2.90
CA ASP A 414 -7.91 0.51 2.80
C ASP A 414 -7.95 -0.82 3.55
N ASP A 415 -6.85 -1.20 4.18
CA ASP A 415 -6.75 -2.43 4.95
C ASP A 415 -7.10 -2.15 6.40
N CYS A 416 -8.06 -2.89 6.95
CA CYS A 416 -8.49 -2.62 8.31
C CYS A 416 -8.72 -3.91 9.09
N VAL A 417 -8.39 -3.83 10.39
CA VAL A 417 -8.80 -4.80 11.38
C VAL A 417 -9.51 -4.03 12.48
N VAL A 418 -10.69 -4.49 12.91
CA VAL A 418 -11.36 -3.82 14.02
C VAL A 418 -11.97 -4.86 14.94
N LYS A 419 -11.86 -4.59 16.25
CA LYS A 419 -12.44 -5.40 17.31
C LYS A 419 -13.50 -4.58 18.02
N PRO A 420 -14.75 -4.60 17.56
CA PRO A 420 -15.80 -3.79 18.19
C PRO A 420 -16.14 -4.34 19.57
N ILE A 421 -16.97 -3.58 20.31
CA ILE A 421 -17.34 -3.97 21.66
C ILE A 421 -18.22 -5.20 21.70
N ASP A 422 -18.93 -5.52 20.62
CA ASP A 422 -19.64 -6.79 20.51
C ASP A 422 -19.84 -7.08 19.04
N ASP A 423 -20.61 -8.11 18.73
CA ASP A 423 -20.71 -8.57 17.36
C ASP A 423 -21.93 -8.02 16.62
N ARG A 424 -22.65 -7.05 17.20
CA ARG A 424 -23.67 -6.35 16.41
C ARG A 424 -23.05 -5.73 15.16
N PHE A 425 -21.81 -5.24 15.26
CA PHE A 425 -20.96 -4.76 14.17
C PHE A 425 -21.06 -5.60 12.90
N ALA A 426 -21.07 -6.93 13.05
CA ALA A 426 -21.08 -7.85 11.91
C ALA A 426 -22.24 -7.56 10.95
N ASN A 427 -23.39 -7.19 11.50
CA ASN A 427 -24.58 -6.91 10.69
C ASN A 427 -24.89 -5.42 10.61
N ALA A 428 -23.96 -4.57 11.04
CA ALA A 428 -24.11 -3.11 10.94
C ALA A 428 -23.54 -2.67 9.60
N LEU A 429 -24.40 -2.66 8.57
CA LEU A 429 -23.96 -2.47 7.20
C LEU A 429 -24.64 -1.29 6.50
N LEU A 430 -25.60 -0.62 7.13
CA LEU A 430 -26.33 0.45 6.46
C LEU A 430 -25.40 1.62 6.09
N ALA A 431 -24.59 2.06 7.05
CA ALA A 431 -23.72 3.20 6.79
C ALA A 431 -22.56 2.80 5.88
N LEU A 432 -22.00 1.60 6.09
CA LEU A 432 -20.87 1.16 5.28
C LEU A 432 -21.24 1.11 3.80
N ASN A 433 -22.37 0.49 3.48
CA ASN A 433 -22.81 0.43 2.09
C ASN A 433 -23.18 1.82 1.57
N ASP A 434 -23.94 2.58 2.37
CA ASP A 434 -24.37 3.90 1.92
C ASP A 434 -23.20 4.86 1.73
N MET A 435 -22.13 4.72 2.54
CA MET A 435 -20.94 5.50 2.29
C MET A 435 -20.22 5.05 1.03
N GLY A 436 -20.61 3.93 0.45
CA GLY A 436 -20.00 3.45 -0.78
C GLY A 436 -18.89 2.44 -0.60
N LYS A 437 -18.54 2.08 0.63
CA LYS A 437 -17.41 1.18 0.89
C LYS A 437 -17.93 -0.26 0.95
N VAL A 438 -18.44 -0.71 -0.20
CA VAL A 438 -19.08 -2.01 -0.31
C VAL A 438 -18.04 -3.11 -0.19
N ARG A 439 -18.36 -4.13 0.60
CA ARG A 439 -17.39 -5.19 0.84
C ARG A 439 -17.23 -6.06 -0.39
N LYS A 440 -16.02 -6.60 -0.55
CA LYS A 440 -15.68 -7.39 -1.72
C LYS A 440 -16.19 -8.83 -1.60
N ASP A 441 -16.79 -9.33 -2.68
CA ASP A 441 -17.11 -10.74 -2.87
C ASP A 441 -17.95 -11.30 -1.72
N ILE A 442 -19.04 -10.59 -1.43
CA ILE A 442 -20.03 -11.05 -0.46
C ILE A 442 -21.32 -10.31 -0.82
N PRO A 443 -22.48 -10.95 -0.72
CA PRO A 443 -23.73 -10.20 -0.89
C PRO A 443 -23.75 -9.00 0.02
N GLN A 444 -24.32 -7.91 -0.49
CA GLN A 444 -24.21 -6.60 0.14
C GLN A 444 -24.74 -6.59 1.57
N TRP A 445 -25.75 -7.41 1.88
CA TRP A 445 -26.38 -7.37 3.20
C TRP A 445 -26.08 -8.61 4.04
N GLN A 446 -25.19 -9.48 3.57
CA GLN A 446 -24.81 -10.65 4.36
C GLN A 446 -23.85 -10.25 5.47
N PRO A 447 -24.08 -10.68 6.71
CA PRO A 447 -23.22 -10.25 7.82
C PRO A 447 -21.76 -10.62 7.62
N SER A 448 -20.88 -9.75 8.11
CA SER A 448 -19.45 -10.04 8.06
C SER A 448 -19.12 -11.24 8.95
N LYS A 449 -18.12 -12.00 8.53
CA LYS A 449 -17.57 -13.08 9.33
C LYS A 449 -16.28 -12.60 9.98
N GLY A 450 -16.17 -12.71 11.30
CA GLY A 450 -14.99 -12.33 12.03
C GLY A 450 -14.23 -13.54 12.58
N TRP A 451 -13.08 -13.24 13.19
CA TRP A 451 -12.21 -14.27 13.74
C TRP A 451 -12.09 -14.10 15.24
N HIS A 452 -12.11 -15.23 15.96
CA HIS A 452 -11.85 -15.24 17.39
C HIS A 452 -10.42 -15.62 17.73
N ASP A 453 -9.55 -15.73 16.72
CA ASP A 453 -8.11 -15.90 16.93
C ASP A 453 -7.40 -14.85 16.10
N TRP A 454 -6.67 -13.95 16.77
CA TRP A 454 -5.95 -12.91 16.06
C TRP A 454 -4.92 -13.49 15.10
N GLN A 455 -4.47 -14.73 15.34
CA GLN A 455 -3.51 -15.37 14.45
C GLN A 455 -4.12 -15.75 13.10
N GLN A 456 -5.46 -15.79 13.01
CA GLN A 456 -6.14 -16.07 11.75
C GLN A 456 -6.52 -14.80 10.99
N VAL A 457 -6.35 -13.62 11.57
CA VAL A 457 -6.83 -12.38 10.96
C VAL A 457 -5.89 -11.98 9.83
N PRO A 458 -6.40 -11.71 8.63
CA PRO A 458 -5.53 -11.19 7.56
C PRO A 458 -5.34 -9.69 7.67
N PHE A 459 -4.09 -9.25 7.45
CA PHE A 459 -3.76 -7.83 7.51
C PHE A 459 -2.47 -7.60 6.74
N CYS A 460 -2.51 -6.67 5.78
CA CYS A 460 -1.35 -6.34 4.97
C CYS A 460 -0.83 -7.58 4.24
N SER A 461 -1.77 -8.38 3.73
CA SER A 461 -1.49 -9.59 2.94
C SER A 461 -0.81 -10.67 3.76
N HIS A 462 -0.81 -10.54 5.08
CA HIS A 462 -0.18 -11.49 5.98
C HIS A 462 -1.18 -11.96 7.02
N HIS A 463 -0.84 -13.07 7.67
CA HIS A 463 -1.31 -13.40 9.00
C HIS A 463 -0.08 -13.54 9.88
N PHE A 464 -0.30 -13.79 11.17
CA PHE A 464 0.79 -13.69 12.13
C PHE A 464 0.69 -14.85 13.11
N HIS A 465 1.82 -15.53 13.35
CA HIS A 465 1.91 -16.69 14.22
C HIS A 465 2.68 -16.33 15.48
N GLU A 466 2.23 -16.83 16.63
CA GLU A 466 3.00 -16.73 17.86
C GLU A 466 3.96 -17.91 17.96
N LEU A 467 5.25 -17.63 18.18
CA LEU A 467 6.29 -18.65 18.16
C LEU A 467 6.96 -18.73 19.51
N ILE A 468 7.08 -19.94 20.05
CA ILE A 468 7.79 -20.19 21.31
C ILE A 468 9.24 -20.56 20.99
N MET A 469 10.18 -19.73 21.42
CA MET A 469 11.58 -20.04 21.23
C MET A 469 12.03 -21.14 22.19
N LYS A 470 13.16 -21.78 21.84
CA LYS A 470 13.70 -22.83 22.69
C LYS A 470 13.91 -22.35 24.12
N ASP A 471 14.40 -21.12 24.30
CA ASP A 471 14.61 -20.59 25.64
C ASP A 471 13.34 -20.07 26.31
N GLY A 472 12.17 -20.21 25.69
CA GLY A 472 10.91 -19.87 26.31
C GLY A 472 10.32 -18.52 25.93
N ARG A 473 11.11 -17.63 25.34
CA ARG A 473 10.58 -16.34 24.94
C ARG A 473 9.68 -16.49 23.70
N LYS A 474 8.76 -15.54 23.54
CA LYS A 474 7.73 -15.62 22.50
C LYS A 474 7.96 -14.57 21.43
N LEU A 475 7.94 -15.00 20.18
CA LEU A 475 7.99 -14.14 19.02
C LEU A 475 6.62 -14.13 18.32
N VAL A 476 6.33 -13.04 17.64
CA VAL A 476 5.14 -12.93 16.79
C VAL A 476 5.62 -12.61 15.39
N VAL A 477 5.41 -13.53 14.46
CA VAL A 477 6.09 -13.48 13.17
C VAL A 477 5.04 -13.32 12.06
N PRO A 478 5.35 -12.59 11.00
CA PRO A 478 4.44 -12.53 9.86
C PRO A 478 4.61 -13.72 8.95
N CYS A 479 3.55 -14.04 8.22
CA CYS A 479 3.53 -15.24 7.42
C CYS A 479 2.50 -15.06 6.31
N ARG A 480 2.72 -15.73 5.20
CA ARG A 480 1.73 -15.79 4.13
C ARG A 480 1.95 -17.10 3.41
N PRO A 481 1.00 -17.51 2.55
CA PRO A 481 1.21 -18.74 1.76
C PRO A 481 2.54 -18.71 1.05
N GLN A 482 3.32 -19.76 1.23
CA GLN A 482 4.72 -19.72 0.81
C GLN A 482 4.88 -19.47 -0.68
N ASP A 483 3.95 -19.97 -1.52
CA ASP A 483 4.06 -19.77 -2.97
C ASP A 483 4.09 -18.29 -3.34
N GLU A 484 3.42 -17.45 -2.55
CA GLU A 484 3.44 -16.02 -2.85
C GLU A 484 4.84 -15.43 -2.62
N LEU A 485 5.51 -15.87 -1.57
CA LEU A 485 6.85 -15.36 -1.31
C LEU A 485 7.83 -15.83 -2.38
N ILE A 486 7.83 -17.13 -2.67
CA ILE A 486 8.74 -17.66 -3.68
C ILE A 486 8.41 -17.09 -5.06
N GLY A 487 7.13 -17.02 -5.40
CA GLY A 487 6.74 -16.50 -6.70
C GLY A 487 7.20 -15.06 -6.90
N ARG A 488 7.17 -14.26 -5.83
CA ARG A 488 7.62 -12.87 -5.98
C ARG A 488 9.13 -12.81 -6.14
N ALA A 489 9.87 -13.62 -5.36
CA ALA A 489 11.32 -13.56 -5.39
C ALA A 489 11.88 -14.01 -6.74
N ARG A 490 11.10 -14.76 -7.51
CA ARG A 490 11.54 -15.21 -8.83
C ARG A 490 11.30 -14.19 -9.93
N ILE A 491 10.80 -13.00 -9.60
CA ILE A 491 10.51 -11.97 -10.60
C ILE A 491 11.50 -10.81 -10.41
N SER A 492 12.28 -10.53 -11.43
CA SER A 492 12.99 -9.28 -11.54
C SER A 492 12.18 -8.33 -12.42
N GLN A 493 12.57 -7.05 -12.42
CA GLN A 493 12.00 -6.11 -13.38
C GLN A 493 13.09 -5.19 -13.88
N GLY A 494 12.94 -4.78 -15.13
CA GLY A 494 14.02 -4.13 -15.87
C GLY A 494 14.57 -5.11 -16.88
N ALA A 495 14.73 -4.67 -18.12
CA ALA A 495 15.20 -5.57 -19.17
C ALA A 495 16.72 -5.67 -19.17
N GLY A 496 17.41 -4.53 -19.18
CA GLY A 496 18.85 -4.53 -19.23
C GLY A 496 19.49 -4.62 -17.85
N TRP A 497 19.39 -5.78 -17.21
CA TRP A 497 19.93 -6.00 -15.88
C TRP A 497 20.93 -7.14 -15.95
N SER A 498 22.18 -6.85 -15.57
CA SER A 498 23.24 -7.84 -15.62
C SER A 498 22.95 -8.98 -14.64
N LEU A 499 23.76 -10.04 -14.75
CA LEU A 499 23.69 -11.11 -13.77
C LEU A 499 24.00 -10.59 -12.37
N LYS A 500 24.84 -9.56 -12.27
CA LYS A 500 25.19 -9.01 -10.97
C LYS A 500 24.00 -8.34 -10.30
N GLU A 501 23.30 -7.47 -11.04
CA GLU A 501 22.10 -6.84 -10.49
C GLU A 501 21.04 -7.88 -10.16
N THR A 502 20.91 -8.91 -11.00
CA THR A 502 19.93 -9.97 -10.76
C THR A 502 20.31 -10.78 -9.51
N ALA A 503 21.60 -11.07 -9.35
CA ALA A 503 22.04 -11.77 -8.14
C ALA A 503 21.85 -10.93 -6.89
N CYS A 504 22.03 -9.61 -7.02
CA CYS A 504 21.90 -8.74 -5.86
C CYS A 504 20.44 -8.66 -5.39
N LEU A 505 19.51 -8.54 -6.33
CA LEU A 505 18.10 -8.55 -5.95
C LEU A 505 17.73 -9.86 -5.26
N GLY A 506 18.19 -10.99 -5.80
CA GLY A 506 17.91 -12.27 -5.16
C GLY A 506 18.47 -12.34 -3.75
N LYS A 507 19.69 -11.82 -3.56
CA LYS A 507 20.26 -11.70 -2.23
C LYS A 507 19.37 -10.83 -1.34
N ALA A 508 18.81 -9.75 -1.91
CA ALA A 508 17.87 -8.92 -1.16
C ALA A 508 16.66 -9.72 -0.69
N TYR A 509 16.08 -10.55 -1.58
CA TYR A 509 14.98 -11.40 -1.13
C TYR A 509 15.44 -12.39 -0.07
N ALA A 510 16.64 -12.96 -0.25
CA ALA A 510 17.14 -13.93 0.71
C ALA A 510 17.29 -13.30 2.10
N GLN A 511 17.71 -12.04 2.15
CA GLN A 511 17.91 -11.40 3.45
C GLN A 511 16.58 -11.04 4.09
N MET A 512 15.60 -10.59 3.30
CA MET A 512 14.26 -10.38 3.84
C MET A 512 13.70 -11.68 4.41
N TRP A 513 13.91 -12.80 3.71
CA TRP A 513 13.42 -14.08 4.20
C TRP A 513 14.09 -14.48 5.51
N ALA A 514 15.40 -14.24 5.64
CA ALA A 514 16.08 -14.58 6.88
C ALA A 514 15.59 -13.72 8.03
N LEU A 515 15.18 -12.49 7.72
CA LEU A 515 14.75 -11.55 8.74
C LEU A 515 13.27 -11.69 9.08
N MET A 516 12.41 -11.90 8.08
CA MET A 516 10.97 -11.93 8.32
C MET A 516 10.38 -13.33 8.30
N TYR A 517 10.93 -14.25 7.49
CA TYR A 517 10.32 -15.55 7.28
C TYR A 517 11.26 -16.71 7.62
N PHE A 518 12.22 -16.44 8.51
CA PHE A 518 13.14 -17.47 9.01
C PHE A 518 12.43 -18.69 9.54
N HIS A 519 11.17 -18.54 9.97
CA HIS A 519 10.42 -19.60 10.61
C HIS A 519 9.81 -20.59 9.62
N ARG A 520 9.94 -20.35 8.32
CA ARG A 520 9.50 -21.28 7.28
C ARG A 520 10.71 -22.06 6.80
N ARG A 521 10.66 -23.39 6.98
CA ARG A 521 11.81 -24.24 6.69
C ARG A 521 12.35 -24.05 5.29
N ASP A 522 11.46 -24.05 4.29
CA ASP A 522 11.91 -23.95 2.90
C ASP A 522 12.59 -22.61 2.63
N LEU A 523 12.07 -21.53 3.24
CA LEU A 523 12.64 -20.22 2.95
C LEU A 523 14.01 -20.05 3.60
N ARG A 524 14.18 -20.56 4.83
CA ARG A 524 15.49 -20.45 5.45
C ARG A 524 16.53 -21.24 4.68
N LEU A 525 16.17 -22.44 4.22
CA LEU A 525 17.06 -23.19 3.33
C LEU A 525 17.38 -22.41 2.07
N ALA A 526 16.34 -21.95 1.36
CA ALA A 526 16.57 -21.25 0.10
C ALA A 526 17.34 -19.95 0.32
N SER A 527 17.05 -19.25 1.42
CA SER A 527 17.76 -18.01 1.73
C SER A 527 19.25 -18.28 1.92
N ASN A 528 19.58 -19.33 2.67
CA ASN A 528 20.97 -19.72 2.86
C ASN A 528 21.63 -20.10 1.54
N ALA A 529 20.89 -20.77 0.66
CA ALA A 529 21.47 -21.19 -0.62
C ALA A 529 21.72 -19.99 -1.53
N ILE A 530 20.82 -19.01 -1.53
CA ILE A 530 21.00 -17.83 -2.36
C ILE A 530 22.24 -17.06 -1.91
N CYS A 531 22.38 -16.85 -0.60
CA CYS A 531 23.51 -16.07 -0.10
C CYS A 531 24.84 -16.80 -0.29
N SER A 532 24.83 -18.13 -0.28
CA SER A 532 26.03 -18.89 -0.58
C SER A 532 26.42 -18.80 -2.05
N ALA A 533 25.47 -18.51 -2.94
CA ALA A 533 25.73 -18.48 -4.37
C ALA A 533 26.10 -17.10 -4.89
N VAL A 534 25.81 -16.05 -4.13
CA VAL A 534 26.06 -14.68 -4.55
C VAL A 534 27.32 -14.16 -3.86
N PRO A 535 28.21 -13.46 -4.56
CA PRO A 535 29.42 -12.91 -3.91
C PRO A 535 29.08 -12.13 -2.64
N VAL A 536 29.87 -12.38 -1.60
CA VAL A 536 29.61 -11.78 -0.29
C VAL A 536 29.68 -10.25 -0.34
N HIS A 537 30.49 -9.70 -1.24
CA HIS A 537 30.71 -8.26 -1.31
C HIS A 537 29.73 -7.54 -2.22
N TRP A 538 28.82 -8.26 -2.85
CA TRP A 538 27.74 -7.64 -3.61
C TRP A 538 26.59 -7.33 -2.65
N VAL A 539 26.13 -6.09 -2.66
CA VAL A 539 25.11 -5.62 -1.73
C VAL A 539 23.91 -5.13 -2.56
N PRO A 540 22.69 -5.58 -2.24
CA PRO A 540 21.42 -5.18 -2.85
C PRO A 540 21.28 -3.66 -3.04
N HIS A 552 13.01 -3.11 4.99
CA HIS A 552 13.97 -2.04 4.78
C HIS A 552 15.32 -2.37 5.43
N GLN A 553 15.29 -3.16 6.50
CA GLN A 553 16.49 -3.46 7.28
C GLN A 553 17.37 -4.54 6.66
N TRP A 554 17.03 -5.06 5.48
CA TRP A 554 17.72 -6.21 4.91
C TRP A 554 18.51 -5.85 3.65
N MET A 555 19.12 -4.66 3.63
CA MET A 555 19.90 -4.21 2.48
C MET A 555 21.35 -3.92 2.83
N THR A 556 21.89 -4.54 3.88
CA THR A 556 23.19 -4.21 4.43
C THR A 556 24.11 -5.43 4.42
N THR A 557 25.40 -5.17 4.71
CA THR A 557 26.41 -6.22 4.82
C THR A 557 26.45 -6.87 6.19
N GLU A 558 25.75 -6.31 7.18
CA GLU A 558 25.81 -6.86 8.53
C GLU A 558 25.42 -8.33 8.52
N ASP A 559 26.07 -9.09 9.40
CA ASP A 559 25.69 -10.48 9.63
C ASP A 559 24.18 -10.57 9.90
N MET A 560 23.51 -11.48 9.19
CA MET A 560 22.05 -11.52 9.29
C MET A 560 21.60 -12.02 10.67
N LEU A 561 22.40 -12.83 11.35
CA LEU A 561 22.09 -13.14 12.73
C LEU A 561 22.20 -11.89 13.61
N THR A 562 23.14 -11.00 13.28
CA THR A 562 23.24 -9.74 14.02
C THR A 562 22.03 -8.86 13.76
N VAL A 563 21.65 -8.70 12.50
CA VAL A 563 20.45 -7.92 12.19
C VAL A 563 19.23 -8.54 12.84
N TRP A 564 19.15 -9.89 12.85
CA TRP A 564 18.02 -10.57 13.46
C TRP A 564 17.90 -10.22 14.94
N ASN A 565 19.02 -10.24 15.65
CA ASN A 565 19.01 -9.92 17.09
C ASN A 565 18.62 -8.48 17.33
N ARG A 566 19.08 -7.57 16.49
CA ARG A 566 18.67 -6.17 16.61
C ARG A 566 17.16 -6.02 16.42
N VAL A 567 16.61 -6.65 15.39
CA VAL A 567 15.18 -6.47 15.07
C VAL A 567 14.29 -7.21 16.07
N TRP A 568 14.58 -8.47 16.35
CA TRP A 568 13.67 -9.27 17.15
C TRP A 568 13.95 -9.23 18.64
N ILE A 569 15.18 -8.87 19.05
CA ILE A 569 15.49 -8.80 20.47
C ILE A 569 15.72 -7.34 20.88
N GLU A 570 16.81 -6.75 20.40
CA GLU A 570 17.30 -5.49 20.95
C GLU A 570 16.24 -4.38 20.84
N ASP A 571 15.79 -4.09 19.62
CA ASP A 571 14.87 -2.99 19.40
C ASP A 571 13.40 -3.39 19.44
N ASN A 572 13.10 -4.63 19.82
CA ASN A 572 11.75 -5.16 19.90
C ASN A 572 11.07 -4.74 21.20
N PRO A 573 10.12 -3.80 21.14
CA PRO A 573 9.45 -3.34 22.37
C PRO A 573 8.66 -4.43 23.08
N TRP A 574 8.25 -5.49 22.40
CA TRP A 574 7.53 -6.57 23.04
C TRP A 574 8.44 -7.68 23.56
N MET A 575 9.76 -7.47 23.53
CA MET A 575 10.72 -8.44 24.05
C MET A 575 11.38 -7.82 25.27
N GLU A 576 10.95 -8.23 26.47
CA GLU A 576 11.49 -7.63 27.69
C GLU A 576 12.92 -8.08 27.95
N ASP A 577 13.18 -9.37 27.78
CA ASP A 577 14.50 -9.97 27.99
C ASP A 577 15.38 -9.72 26.77
N LYS A 578 16.38 -8.85 26.91
CA LYS A 578 17.26 -8.48 25.80
C LYS A 578 18.40 -9.47 25.56
N THR A 579 18.33 -10.68 26.13
CA THR A 579 19.39 -11.66 25.95
C THR A 579 19.55 -12.04 24.48
N PRO A 580 20.71 -11.79 23.88
CA PRO A 580 20.87 -12.07 22.45
C PRO A 580 20.95 -13.55 22.15
N VAL A 581 20.59 -13.87 20.90
CA VAL A 581 20.67 -15.23 20.37
C VAL A 581 22.01 -15.40 19.67
N THR A 582 22.69 -16.51 19.94
CA THR A 582 24.06 -16.71 19.46
C THR A 582 24.18 -17.67 18.28
N THR A 583 23.11 -18.39 17.94
CA THR A 583 23.16 -19.32 16.82
C THR A 583 21.78 -19.38 16.15
N TRP A 584 21.80 -19.56 14.82
CA TRP A 584 20.54 -19.77 14.10
C TRP A 584 19.81 -21.01 14.60
N GLU A 585 20.51 -21.92 15.28
CA GLU A 585 19.84 -23.07 15.90
C GLU A 585 18.87 -22.63 16.99
N ASP A 586 19.11 -21.48 17.60
CA ASP A 586 18.21 -20.95 18.61
C ASP A 586 17.09 -20.10 18.01
N VAL A 587 17.06 -19.95 16.69
CA VAL A 587 15.99 -19.21 16.01
C VAL A 587 14.93 -20.23 15.57
N PRO A 588 13.70 -20.14 16.06
CA PRO A 588 12.76 -21.25 15.89
C PRO A 588 12.09 -21.26 14.52
N TYR A 589 11.45 -22.39 14.25
CA TYR A 589 10.58 -22.58 13.10
C TYR A 589 9.13 -22.62 13.56
N LEU A 590 8.22 -22.38 12.63
CA LEU A 590 6.84 -22.79 12.87
C LEU A 590 6.81 -24.27 13.17
N GLY A 591 5.83 -24.68 13.97
CA GLY A 591 5.55 -26.10 14.05
C GLY A 591 5.41 -26.67 12.65
N LYS A 592 5.74 -27.95 12.49
CA LYS A 592 5.73 -28.56 11.16
C LYS A 592 4.32 -28.56 10.56
N ARG A 593 3.30 -28.77 11.41
CA ARG A 593 1.93 -28.81 10.89
C ARG A 593 1.53 -27.45 10.34
N GLU A 594 1.84 -26.37 11.07
CA GLU A 594 1.57 -25.01 10.59
C GLU A 594 2.41 -24.67 9.36
N ASP A 595 3.68 -25.06 9.35
CA ASP A 595 4.52 -24.81 8.18
C ASP A 595 3.89 -25.42 6.93
N GLN A 596 3.36 -26.64 7.04
CA GLN A 596 2.77 -27.28 5.87
C GLN A 596 1.42 -26.65 5.52
N TRP A 597 0.63 -26.28 6.53
CA TRP A 597 -0.64 -25.61 6.27
C TRP A 597 -0.42 -24.30 5.51
N CYS A 598 0.72 -23.66 5.71
CA CYS A 598 1.00 -22.40 5.04
C CYS A 598 1.89 -22.58 3.80
N GLY A 599 1.97 -23.79 3.27
CA GLY A 599 2.47 -24.02 1.93
C GLY A 599 3.81 -24.73 1.84
N SER A 600 4.40 -25.16 2.96
CA SER A 600 5.72 -25.77 2.94
C SER A 600 5.71 -27.09 2.19
N LEU A 601 6.76 -27.32 1.40
CA LEU A 601 6.93 -28.58 0.69
C LEU A 601 7.68 -29.63 1.51
N ILE A 602 7.95 -29.36 2.79
CA ILE A 602 8.62 -30.35 3.62
C ILE A 602 7.75 -31.61 3.70
N GLY A 603 8.40 -32.77 3.60
CA GLY A 603 7.69 -34.02 3.55
C GLY A 603 7.45 -34.57 2.16
N LEU A 604 7.69 -33.77 1.11
CA LEU A 604 7.64 -34.24 -0.26
C LEU A 604 9.03 -34.64 -0.70
N THR A 605 9.11 -35.68 -1.54
CA THR A 605 10.42 -36.20 -1.92
C THR A 605 11.15 -35.25 -2.86
N SER A 606 10.41 -34.51 -3.69
CA SER A 606 11.07 -33.51 -4.54
C SER A 606 11.72 -32.42 -3.72
N ARG A 607 11.18 -32.15 -2.52
CA ARG A 607 11.83 -31.19 -1.63
C ARG A 607 13.08 -31.80 -0.99
N ALA A 608 13.02 -33.08 -0.63
CA ALA A 608 14.19 -33.71 -0.01
C ALA A 608 15.33 -33.87 -1.02
N THR A 609 14.99 -34.12 -2.29
CA THR A 609 16.01 -34.20 -3.32
C THR A 609 16.65 -32.84 -3.55
N TRP A 610 15.84 -31.79 -3.56
CA TRP A 610 16.36 -30.42 -3.67
C TRP A 610 17.29 -30.11 -2.51
N ALA A 611 16.85 -30.40 -1.28
CA ALA A 611 17.66 -30.10 -0.11
C ALA A 611 18.96 -30.89 -0.13
N GLN A 612 18.89 -32.16 -0.56
CA GLN A 612 20.05 -33.04 -0.48
C GLN A 612 21.14 -32.65 -1.48
N ASN A 613 20.77 -32.07 -2.62
CA ASN A 613 21.72 -31.75 -3.67
C ASN A 613 21.92 -30.25 -3.86
N ILE A 614 21.55 -29.45 -2.85
CA ILE A 614 21.50 -28.01 -3.05
C ILE A 614 22.87 -27.41 -3.29
N LEU A 615 23.94 -28.01 -2.73
CA LEU A 615 25.27 -27.48 -2.98
C LEU A 615 25.65 -27.57 -4.45
N THR A 616 25.14 -28.58 -5.16
CA THR A 616 25.38 -28.68 -6.59
C THR A 616 24.81 -27.47 -7.34
N ALA A 617 23.56 -27.11 -7.04
CA ALA A 617 22.97 -25.95 -7.69
C ALA A 617 23.72 -24.67 -7.32
N ILE A 618 24.10 -24.54 -6.05
CA ILE A 618 24.90 -23.39 -5.61
C ILE A 618 26.18 -23.28 -6.43
N GLN A 619 26.92 -24.39 -6.55
CA GLN A 619 28.20 -24.35 -7.25
C GLN A 619 28.00 -24.01 -8.73
N GLN A 620 26.89 -24.47 -9.33
CA GLN A 620 26.62 -24.11 -10.71
C GLN A 620 26.40 -22.60 -10.87
N VAL A 621 25.72 -21.97 -9.92
CA VAL A 621 25.59 -20.51 -9.97
C VAL A 621 26.95 -19.84 -9.80
N ARG A 622 27.77 -20.37 -8.90
CA ARG A 622 29.09 -19.78 -8.69
C ARG A 622 29.95 -19.90 -9.94
N SER A 623 29.90 -21.05 -10.61
CA SER A 623 30.69 -21.25 -11.83
C SER A 623 30.37 -20.20 -12.87
N LEU A 624 29.09 -19.88 -13.05
CA LEU A 624 28.70 -18.92 -14.07
C LEU A 624 29.03 -17.50 -13.66
N ILE A 625 28.95 -17.20 -12.36
CA ILE A 625 29.21 -15.85 -11.90
C ILE A 625 30.68 -15.48 -12.12
N GLY A 626 31.60 -16.38 -11.76
CA GLY A 626 33.00 -16.14 -12.01
C GLY A 626 33.81 -16.31 -10.76
N ASN A 627 35.04 -15.80 -10.79
CA ASN A 627 35.95 -15.93 -9.65
C ASN A 627 35.80 -14.72 -8.73
N GLU A 628 34.67 -14.70 -8.03
CA GLU A 628 34.42 -13.76 -6.96
C GLU A 628 34.61 -14.48 -5.63
N GLU A 629 34.51 -13.72 -4.54
CA GLU A 629 34.62 -14.27 -3.21
C GLU A 629 33.25 -14.72 -2.72
N PHE A 630 33.15 -15.98 -2.33
CA PHE A 630 31.90 -16.54 -1.84
C PHE A 630 32.09 -17.10 -0.44
N LEU A 631 31.03 -17.01 0.37
CA LEU A 631 31.00 -17.68 1.66
C LEU A 631 29.92 -18.75 1.65
N ASP A 632 30.16 -19.82 2.39
CA ASP A 632 29.20 -20.90 2.51
C ASP A 632 28.34 -20.62 3.75
N TYR A 633 27.06 -20.38 3.55
CA TYR A 633 26.15 -20.16 4.66
C TYR A 633 25.43 -21.44 5.10
N MET A 634 25.98 -22.60 4.72
CA MET A 634 25.63 -23.89 5.31
C MET A 634 24.18 -24.26 5.03
N PRO A 635 23.78 -24.45 3.75
CA PRO A 635 22.41 -24.91 3.48
C PRO A 635 22.33 -26.42 3.39
N SER A 636 22.14 -27.08 4.54
CA SER A 636 22.02 -28.55 4.60
C SER A 636 23.21 -29.24 3.96
ZN ZN B . -1.14 22.33 -11.14
ZN ZN C . 1.44 -19.00 8.30
C10 B5C D . 24.61 -11.87 3.90
C13 B5C D . 24.52 -13.37 6.02
C01 B5C D . 25.30 -16.15 10.92
C02 B5C D . 25.19 -15.96 9.40
C05 B5C D . 23.80 -15.08 7.60
C06 B5C D . 22.79 -15.51 6.68
C07 B5C D . 22.64 -14.87 5.42
C08 B5C D . 23.47 -13.83 5.07
C14 B5C D . 24.65 -13.99 7.24
O03 B5C D . 26.17 -16.03 8.73
O04 B5C D . 23.91 -15.72 8.84
O09 B5C D . 23.56 -12.89 3.72
O11 B5C D . 24.87 -11.00 3.14
S12 B5C D . 25.33 -12.14 5.33
#